data_7HT3
#
_entry.id   7HT3
#
_cell.length_a   98.704
_cell.length_b   98.606
_cell.length_c   128.325
_cell.angle_alpha   90.00
_cell.angle_beta   90.00
_cell.angle_gamma   90.00
#
_symmetry.space_group_name_H-M   'I 2 2 2'
#
loop_
_entity.id
_entity.type
_entity.pdbx_description
1 polymer 'Oleoyl-acyl carrier protein thioesterase 1, chloroplastic'
2 non-polymer 'ethyl benzylcarbamate'
3 water water
#
_entity_poly.entity_id   1
_entity_poly.type   'polypeptide(L)'
_entity_poly.pdbx_seq_one_letter_code
;MGSLTEDGLSYKEKFVVRSYEVGSNKTATVETIANLLQEVGCNHAQSVGFSTDGFATTTTMRKLHLIWVTARMHIEIYKY
PAWGDVVEIETWCQSEGRIGTRRDWILKDSVTGEVTGRATSKWVMMNQDTRRLQKVSDDVRDEYLVFCPQEPRLAFPEEN
NRSLKKIPKLEDPAQYSMIGLKPRRADLDMNQHVNNVTYIGWVLESIPQEIVDTHELQVITLDYRRECQQDDVVDSLTTT
TSEIGGTNGSATSGTQGHNDSQFLHLLRLSGDGQEINRGTTLWRKKPSSHHHHHH
;
_entity_poly.pdbx_strand_id   A,B
#
loop_
_chem_comp.id
_chem_comp.type
_chem_comp.name
_chem_comp.formula
NVJ non-polymer 'ethyl benzylcarbamate' 'C10 H13 N O2'
#
# COMPACT_ATOMS: atom_id res chain seq x y z
N GLY A 2 1.05 13.45 14.91
CA GLY A 2 0.75 14.74 14.31
C GLY A 2 -0.09 15.59 15.23
N SER A 3 -0.51 16.78 14.80
CA SER A 3 -1.19 17.65 15.77
C SER A 3 -1.77 18.90 15.11
N LEU A 4 -2.80 19.42 15.75
CA LEU A 4 -3.39 20.74 15.46
C LEU A 4 -2.34 21.80 15.74
N THR A 5 -2.25 22.75 14.82
CA THR A 5 -1.48 23.99 14.95
C THR A 5 -2.03 24.73 16.17
N GLU A 6 -1.42 25.87 16.51
CA GLU A 6 -1.81 26.71 17.67
C GLU A 6 -3.27 27.17 17.53
N ASP A 7 -3.63 27.78 16.40
CA ASP A 7 -5.01 28.28 16.18
C ASP A 7 -6.02 27.12 16.08
N GLY A 8 -5.59 25.86 15.86
CA GLY A 8 -6.52 24.71 15.84
C GLY A 8 -7.34 24.68 14.54
N LEU A 9 -6.95 25.47 13.53
CA LEU A 9 -7.58 25.58 12.18
C LEU A 9 -6.84 24.78 11.10
N SER A 10 -5.68 24.19 11.42
CA SER A 10 -4.99 23.25 10.50
C SER A 10 -4.30 22.14 11.29
N TYR A 11 -3.71 21.16 10.60
CA TYR A 11 -3.14 19.93 11.22
C TYR A 11 -1.85 19.54 10.48
N LYS A 12 -0.82 19.19 11.24
CA LYS A 12 0.47 18.74 10.67
C LYS A 12 0.80 17.32 11.13
N GLU A 13 1.46 16.56 10.25
CA GLU A 13 2.01 15.21 10.59
C GLU A 13 3.31 14.95 9.84
N LYS A 14 4.25 14.26 10.50
CA LYS A 14 5.52 13.87 9.91
C LYS A 14 5.46 12.38 9.57
N PHE A 15 6.01 12.03 8.40
CA PHE A 15 6.03 10.66 7.84
C PHE A 15 7.44 10.32 7.39
N VAL A 16 7.90 9.08 7.68
CA VAL A 16 9.20 8.53 7.21
C VAL A 16 8.85 7.71 5.99
N VAL A 17 9.43 7.98 4.83
CA VAL A 17 9.17 7.22 3.58
C VAL A 17 9.72 5.79 3.74
N ARG A 18 8.91 4.77 3.42
CA ARG A 18 9.25 3.34 3.67
C ARG A 18 9.82 2.72 2.39
N SER A 19 10.66 1.68 2.55
CA SER A 19 11.26 0.85 1.48
C SER A 19 10.26 0.57 0.34
N TYR A 20 9.08 0.06 0.68
CA TYR A 20 8.06 -0.42 -0.30
C TYR A 20 7.25 0.76 -0.83
N GLU A 21 7.43 1.96 -0.27
CA GLU A 21 6.66 3.16 -0.68
C GLU A 21 7.30 3.84 -1.87
N VAL A 22 8.48 3.40 -2.30
CA VAL A 22 9.26 4.17 -3.32
C VAL A 22 9.40 3.31 -4.57
N GLY A 23 9.51 4.00 -5.71
CA GLY A 23 9.73 3.54 -7.10
C GLY A 23 11.20 3.35 -7.45
N SER A 24 11.47 3.15 -8.73
N SER A 24 11.50 3.15 -8.72
N SER A 24 11.47 3.15 -8.73
CA SER A 24 12.80 2.80 -9.30
CA SER A 24 12.85 2.75 -9.21
CA SER A 24 12.80 2.80 -9.30
C SER A 24 13.86 3.84 -8.91
C SER A 24 13.89 3.87 -9.00
C SER A 24 13.86 3.84 -8.91
N ASN A 25 13.46 5.11 -8.73
CA ASN A 25 14.39 6.22 -8.35
C ASN A 25 14.72 6.24 -6.84
N LYS A 26 14.08 5.39 -6.03
CA LYS A 26 14.21 5.40 -4.55
C LYS A 26 13.62 6.68 -3.95
N THR A 27 12.69 7.34 -4.66
CA THR A 27 11.84 8.43 -4.12
C THR A 27 10.38 7.96 -4.10
N ALA A 28 9.55 8.56 -3.23
CA ALA A 28 8.13 8.25 -3.00
C ALA A 28 7.38 8.29 -4.32
N THR A 29 6.48 7.33 -4.56
CA THR A 29 5.58 7.39 -5.72
C THR A 29 4.41 8.38 -5.47
N VAL A 30 3.72 8.78 -6.51
CA VAL A 30 2.57 9.73 -6.39
C VAL A 30 1.40 9.00 -5.73
N GLU A 31 1.35 7.66 -5.77
CA GLU A 31 0.30 6.90 -5.03
C GLU A 31 0.58 6.95 -3.52
N THR A 32 1.86 6.90 -3.14
CA THR A 32 2.35 6.98 -1.75
C THR A 32 2.01 8.37 -1.19
N ILE A 33 2.37 9.45 -1.89
CA ILE A 33 2.04 10.84 -1.49
C ILE A 33 0.56 10.89 -1.24
N ALA A 34 -0.21 10.37 -2.19
CA ALA A 34 -1.70 10.42 -2.15
C ALA A 34 -2.23 9.66 -0.92
N ASN A 35 -1.59 8.56 -0.52
CA ASN A 35 -2.02 7.81 0.69
C ASN A 35 -1.69 8.62 1.92
N LEU A 36 -0.55 9.29 2.00
CA LEU A 36 -0.18 10.14 3.17
C LEU A 36 -1.13 11.34 3.28
N LEU A 37 -1.47 11.96 2.15
CA LEU A 37 -2.53 13.03 2.09
C LEU A 37 -3.83 12.55 2.75
N GLN A 38 -4.27 11.29 2.51
CA GLN A 38 -5.53 10.74 3.10
C GLN A 38 -5.31 10.36 4.56
N GLU A 39 -4.16 9.81 4.91
CA GLU A 39 -3.91 9.43 6.32
C GLU A 39 -4.00 10.69 7.21
N VAL A 40 -3.48 11.83 6.76
CA VAL A 40 -3.32 13.07 7.57
C VAL A 40 -4.66 13.83 7.58
N GLY A 41 -5.39 13.74 6.50
CA GLY A 41 -6.81 14.09 6.42
C GLY A 41 -7.64 13.43 7.49
N CYS A 42 -7.53 12.10 7.61
CA CYS A 42 -8.31 11.29 8.59
C CYS A 42 -7.87 11.63 10.02
N ASN A 43 -6.56 11.86 10.22
CA ASN A 43 -5.98 12.25 11.54
C ASN A 43 -6.49 13.65 11.98
N HIS A 44 -6.55 14.62 11.07
CA HIS A 44 -7.22 15.93 11.28
C HIS A 44 -8.70 15.76 11.63
N ALA A 45 -9.44 15.01 10.83
CA ALA A 45 -10.88 14.74 11.10
C ALA A 45 -11.05 14.25 12.55
N GLN A 46 -10.32 13.23 12.99
CA GLN A 46 -10.37 12.64 14.35
C GLN A 46 -10.07 13.69 15.41
N SER A 47 -9.06 14.53 15.15
N SER A 47 -9.05 14.53 15.18
N SER A 47 -9.06 14.53 15.15
CA SER A 47 -8.49 15.52 16.11
CA SER A 47 -8.51 15.52 16.15
CA SER A 47 -8.49 15.52 16.11
C SER A 47 -9.52 16.61 16.45
C SER A 47 -9.56 16.59 16.49
C SER A 47 -9.52 16.61 16.45
N VAL A 48 -10.55 16.83 15.62
CA VAL A 48 -11.54 17.91 15.84
C VAL A 48 -12.88 17.31 16.28
N GLY A 49 -12.99 15.98 16.36
CA GLY A 49 -14.07 15.31 17.10
C GLY A 49 -14.89 14.32 16.27
N PHE A 50 -14.67 14.24 14.95
CA PHE A 50 -15.39 13.32 14.05
C PHE A 50 -15.10 11.87 14.44
N SER A 51 -16.12 11.20 15.00
CA SER A 51 -16.08 9.78 15.42
C SER A 51 -16.15 8.88 14.18
N ALA A 56 -16.82 10.28 8.94
CA ALA A 56 -16.57 11.74 9.05
C ALA A 56 -17.83 12.54 8.65
N THR A 57 -18.74 12.71 9.61
CA THR A 57 -20.09 13.28 9.39
C THR A 57 -20.41 14.22 10.53
N THR A 58 -20.93 15.41 10.26
CA THR A 58 -21.55 16.30 11.27
C THR A 58 -22.86 15.64 11.74
N THR A 59 -23.55 16.20 12.74
CA THR A 59 -24.76 15.60 13.33
C THR A 59 -25.86 15.59 12.26
N THR A 60 -26.10 16.73 11.60
CA THR A 60 -27.11 16.85 10.51
C THR A 60 -26.83 15.82 9.40
N MET A 61 -25.56 15.65 9.01
N MET A 61 -25.56 15.67 9.00
N MET A 61 -25.56 15.65 9.01
CA MET A 61 -25.12 14.68 7.97
CA MET A 61 -25.10 14.68 7.98
CA MET A 61 -25.12 14.68 7.97
C MET A 61 -25.54 13.26 8.38
C MET A 61 -25.58 13.28 8.39
C MET A 61 -25.54 13.26 8.38
N ARG A 62 -25.28 12.86 9.62
CA ARG A 62 -25.62 11.49 10.13
C ARG A 62 -27.16 11.26 10.16
N LYS A 63 -27.95 12.31 10.39
CA LYS A 63 -29.44 12.26 10.53
C LYS A 63 -30.04 12.22 9.11
N LEU A 64 -29.31 12.71 8.10
CA LEU A 64 -29.70 12.64 6.70
C LEU A 64 -28.90 11.58 5.92
N HIS A 65 -28.17 10.69 6.56
CA HIS A 65 -27.38 9.61 5.87
C HIS A 65 -26.50 10.18 4.74
N LEU A 66 -25.91 11.36 4.96
CA LEU A 66 -25.03 12.06 3.99
C LEU A 66 -23.56 11.85 4.32
N ILE A 67 -22.70 11.88 3.29
CA ILE A 67 -21.21 11.78 3.36
C ILE A 67 -20.57 12.77 2.40
N TRP A 68 -19.37 13.24 2.75
CA TRP A 68 -18.36 13.80 1.81
C TRP A 68 -17.83 12.69 0.91
N VAL A 69 -17.80 13.00 -0.39
CA VAL A 69 -17.13 12.22 -1.46
C VAL A 69 -16.36 13.22 -2.30
N THR A 70 -15.31 12.69 -2.91
CA THR A 70 -14.30 13.41 -3.74
C THR A 70 -14.90 13.60 -5.14
N ALA A 71 -14.87 14.83 -5.63
CA ALA A 71 -15.20 15.15 -7.04
C ALA A 71 -13.92 15.40 -7.83
N ARG A 72 -12.84 15.84 -7.17
CA ARG A 72 -11.58 16.21 -7.86
C ARG A 72 -10.42 16.24 -6.87
N MET A 73 -9.30 15.62 -7.30
CA MET A 73 -7.98 15.68 -6.66
C MET A 73 -6.99 16.37 -7.62
N HIS A 74 -6.09 17.20 -7.09
CA HIS A 74 -5.06 17.92 -7.89
C HIS A 74 -3.76 18.02 -7.10
N ILE A 75 -2.68 17.49 -7.65
CA ILE A 75 -1.39 17.26 -6.92
C ILE A 75 -0.28 17.83 -7.79
N GLU A 76 0.53 18.70 -7.19
CA GLU A 76 1.76 19.22 -7.84
C GLU A 76 2.92 18.83 -6.95
N ILE A 77 3.88 18.11 -7.54
CA ILE A 77 5.12 17.66 -6.87
C ILE A 77 6.33 18.28 -7.56
N TYR A 78 7.11 19.07 -6.79
CA TYR A 78 8.43 19.66 -7.18
C TYR A 78 9.57 18.70 -6.84
N LYS A 79 9.53 18.06 -5.68
CA LYS A 79 10.49 16.98 -5.34
C LYS A 79 9.73 15.87 -4.63
N TYR A 80 10.02 14.61 -4.99
CA TYR A 80 9.53 13.37 -4.33
C TYR A 80 10.53 12.97 -3.25
N PRO A 81 10.10 12.87 -1.98
CA PRO A 81 11.04 12.62 -0.90
C PRO A 81 11.72 11.24 -1.04
N ALA A 82 12.95 11.08 -0.58
CA ALA A 82 13.71 9.82 -0.73
C ALA A 82 13.26 8.86 0.36
N TRP A 83 13.35 7.58 0.04
CA TRP A 83 13.42 6.45 1.01
C TRP A 83 14.17 6.89 2.29
N GLY A 84 13.54 6.85 3.46
CA GLY A 84 14.24 7.19 4.73
C GLY A 84 14.11 8.65 5.15
N ASP A 85 13.72 9.54 4.23
CA ASP A 85 13.48 10.99 4.43
C ASP A 85 12.17 11.23 5.20
N VAL A 86 12.13 12.27 6.00
CA VAL A 86 10.89 12.74 6.65
C VAL A 86 10.26 13.87 5.83
N VAL A 87 8.97 13.73 5.49
CA VAL A 87 8.14 14.78 4.83
C VAL A 87 7.16 15.32 5.88
N GLU A 88 6.89 16.64 5.84
CA GLU A 88 5.88 17.27 6.73
C GLU A 88 4.73 17.73 5.88
N ILE A 89 3.49 17.28 6.18
CA ILE A 89 2.25 17.68 5.46
C ILE A 89 1.34 18.47 6.41
N GLU A 90 1.00 19.69 6.03
CA GLU A 90 -0.01 20.49 6.73
C GLU A 90 -1.35 20.37 5.97
N THR A 91 -2.47 20.16 6.66
CA THR A 91 -3.78 20.09 5.98
C THR A 91 -4.83 20.98 6.68
N TRP A 92 -5.84 21.41 5.93
CA TRP A 92 -6.95 22.27 6.37
C TRP A 92 -8.07 22.19 5.35
N CYS A 93 -9.28 22.52 5.80
N CYS A 93 -9.29 22.48 5.79
N CYS A 93 -9.28 22.52 5.80
CA CYS A 93 -10.52 22.51 4.99
CA CYS A 93 -10.51 22.50 4.94
CA CYS A 93 -10.52 22.51 4.99
C CYS A 93 -11.04 23.94 4.86
C CYS A 93 -11.00 23.94 4.82
C CYS A 93 -11.04 23.94 4.86
N GLN A 94 -11.82 24.22 3.81
CA GLN A 94 -12.56 25.52 3.68
C GLN A 94 -13.93 25.19 3.09
N SER A 95 -14.94 25.90 3.59
CA SER A 95 -16.30 26.01 3.01
C SER A 95 -16.17 26.67 1.65
N GLU A 96 -16.76 26.08 0.59
CA GLU A 96 -16.97 26.69 -0.74
C GLU A 96 -18.50 26.92 -0.86
N GLY A 97 -19.04 27.75 0.06
CA GLY A 97 -20.49 27.97 0.29
C GLY A 97 -21.37 26.73 0.13
N ARG A 98 -22.46 26.83 -0.64
CA ARG A 98 -23.49 25.77 -0.72
C ARG A 98 -22.97 24.66 -1.65
N ILE A 99 -21.84 24.89 -2.34
CA ILE A 99 -21.40 23.97 -3.43
C ILE A 99 -20.83 22.71 -2.79
N GLY A 100 -19.94 22.88 -1.81
CA GLY A 100 -19.12 21.78 -1.26
C GLY A 100 -18.02 22.31 -0.37
N THR A 101 -17.08 21.44 0.01
CA THR A 101 -15.84 21.79 0.72
C THR A 101 -14.58 21.43 -0.05
N ARG A 102 -13.52 22.14 0.34
CA ARG A 102 -12.14 22.02 -0.18
C ARG A 102 -11.24 21.53 0.96
N ARG A 103 -10.47 20.49 0.71
CA ARG A 103 -9.30 20.17 1.55
C ARG A 103 -8.06 20.43 0.68
N ASP A 104 -7.08 21.13 1.26
CA ASP A 104 -5.78 21.50 0.66
C ASP A 104 -4.60 20.95 1.48
N TRP A 105 -3.42 20.75 0.86
CA TRP A 105 -2.23 20.23 1.58
C TRP A 105 -0.99 20.98 1.11
N ILE A 106 0.00 21.09 1.97
CA ILE A 106 1.38 21.61 1.72
C ILE A 106 2.32 20.53 2.30
N LEU A 107 3.18 20.00 1.45
CA LEU A 107 4.25 19.01 1.78
C LEU A 107 5.53 19.83 1.88
N LYS A 108 6.31 19.67 2.95
CA LYS A 108 7.68 20.25 3.13
C LYS A 108 8.70 19.14 3.36
N ASP A 109 9.93 19.42 2.98
CA ASP A 109 11.13 18.72 3.51
C ASP A 109 11.25 19.16 4.97
N SER A 110 11.14 18.20 5.88
CA SER A 110 11.35 18.36 7.34
C SER A 110 12.70 19.05 7.62
N VAL A 111 13.77 18.68 6.89
CA VAL A 111 15.16 19.15 7.14
C VAL A 111 15.29 20.60 6.67
N THR A 112 14.88 20.91 5.44
CA THR A 112 15.14 22.22 4.79
C THR A 112 14.01 23.20 5.10
N GLY A 113 12.78 22.69 5.28
CA GLY A 113 11.52 23.48 5.42
C GLY A 113 11.00 24.01 4.08
N GLU A 114 11.61 23.62 2.96
CA GLU A 114 11.16 24.10 1.61
C GLU A 114 9.93 23.29 1.19
N VAL A 115 8.93 23.98 0.64
CA VAL A 115 7.75 23.36 0.00
C VAL A 115 8.24 22.40 -1.09
N THR A 116 7.83 21.13 -1.00
CA THR A 116 8.19 20.08 -1.99
C THR A 116 6.96 19.63 -2.76
N GLY A 117 5.75 20.05 -2.35
CA GLY A 117 4.49 19.54 -2.91
C GLY A 117 3.30 20.38 -2.50
N ARG A 118 2.25 20.38 -3.30
CA ARG A 118 0.95 20.91 -2.88
C ARG A 118 -0.19 20.12 -3.57
N ALA A 119 -1.36 20.14 -2.96
CA ALA A 119 -2.55 19.39 -3.44
C ALA A 119 -3.82 20.10 -2.97
N THR A 120 -4.82 20.08 -3.83
CA THR A 120 -6.13 20.67 -3.59
C THR A 120 -7.18 19.62 -4.00
N SER A 121 -8.30 19.58 -3.31
CA SER A 121 -9.37 18.60 -3.61
C SER A 121 -10.74 19.21 -3.37
N LYS A 122 -11.69 18.82 -4.24
CA LYS A 122 -13.11 19.27 -4.13
C LYS A 122 -13.98 18.07 -3.73
N TRP A 123 -14.76 18.28 -2.68
CA TRP A 123 -15.68 17.29 -2.06
C TRP A 123 -17.08 17.83 -2.22
N VAL A 124 -18.06 16.94 -2.48
CA VAL A 124 -19.52 17.26 -2.49
C VAL A 124 -20.24 16.31 -1.54
N MET A 125 -21.42 16.73 -1.11
CA MET A 125 -22.32 15.92 -0.26
C MET A 125 -23.00 14.85 -1.14
N MET A 126 -23.17 13.66 -0.58
CA MET A 126 -23.88 12.58 -1.30
C MET A 126 -24.67 11.80 -0.27
N ASN A 127 -25.87 11.35 -0.66
CA ASN A 127 -26.65 10.34 0.12
C ASN A 127 -25.93 9.01 -0.02
N GLN A 128 -25.51 8.42 1.08
CA GLN A 128 -24.78 7.12 1.13
C GLN A 128 -25.57 5.98 0.49
N ASP A 129 -26.89 5.96 0.66
CA ASP A 129 -27.80 4.88 0.23
C ASP A 129 -28.10 5.02 -1.27
N THR A 130 -28.61 6.18 -1.72
CA THR A 130 -29.05 6.38 -3.13
C THR A 130 -27.93 6.84 -4.04
N ARG A 131 -26.86 7.35 -3.44
CA ARG A 131 -25.72 7.92 -4.19
C ARG A 131 -26.14 9.23 -4.84
N ARG A 132 -27.22 9.92 -4.44
CA ARG A 132 -27.59 11.20 -5.11
C ARG A 132 -26.77 12.37 -4.52
N LEU A 133 -26.03 13.11 -5.39
CA LEU A 133 -25.32 14.37 -5.04
C LEU A 133 -26.36 15.38 -4.59
N GLN A 134 -26.00 16.30 -3.69
CA GLN A 134 -26.84 17.49 -3.40
C GLN A 134 -26.01 18.54 -2.65
N LYS A 135 -26.61 19.71 -2.45
CA LYS A 135 -25.94 20.94 -1.95
C LYS A 135 -25.59 20.73 -0.47
N VAL A 136 -24.54 21.41 -0.02
CA VAL A 136 -24.30 21.67 1.44
C VAL A 136 -25.45 22.55 1.98
N SER A 137 -26.32 22.02 2.85
CA SER A 137 -27.29 22.87 3.59
C SER A 137 -26.59 23.75 4.64
N ASP A 138 -27.13 24.96 4.87
CA ASP A 138 -26.70 25.95 5.90
C ASP A 138 -26.56 25.30 7.29
N ASP A 139 -27.38 24.34 7.68
CA ASP A 139 -27.25 23.65 9.01
C ASP A 139 -25.88 22.95 9.06
N VAL A 140 -25.53 22.20 7.99
CA VAL A 140 -24.26 21.44 7.90
C VAL A 140 -23.10 22.45 7.85
N ARG A 141 -23.24 23.51 7.06
CA ARG A 141 -22.20 24.56 6.93
C ARG A 141 -21.84 25.09 8.31
N ASP A 142 -22.82 25.65 9.04
CA ASP A 142 -22.68 26.08 10.45
C ASP A 142 -21.79 25.09 11.20
N GLU A 143 -22.06 23.79 11.07
CA GLU A 143 -21.55 22.70 11.96
C GLU A 143 -20.03 22.50 11.87
N TYR A 144 -19.46 22.56 10.66
CA TYR A 144 -18.02 22.27 10.38
C TYR A 144 -17.25 23.56 10.02
N LEU A 145 -17.95 24.68 9.83
CA LEU A 145 -17.32 26.01 9.51
C LEU A 145 -16.38 26.45 10.65
N VAL A 146 -16.68 26.09 11.90
CA VAL A 146 -15.86 26.35 13.13
C VAL A 146 -14.55 25.54 13.15
N PHE A 147 -14.25 24.66 12.19
CA PHE A 147 -12.94 23.96 12.09
C PHE A 147 -12.11 24.50 10.93
N CYS A 148 -12.59 25.56 10.28
CA CYS A 148 -12.10 26.04 8.98
C CYS A 148 -11.73 27.49 9.19
N PRO A 149 -10.55 27.93 8.69
CA PRO A 149 -10.24 29.35 8.49
C PRO A 149 -11.34 29.98 7.64
N GLN A 150 -11.84 31.13 8.05
CA GLN A 150 -13.00 31.79 7.41
C GLN A 150 -12.49 32.79 6.33
N GLU A 151 -11.30 33.35 6.51
CA GLU A 151 -10.58 34.04 5.41
C GLU A 151 -9.96 33.02 4.47
N PRO A 152 -9.87 33.34 3.18
CA PRO A 152 -9.30 32.40 2.22
C PRO A 152 -7.88 31.91 2.58
N ARG A 153 -7.64 30.62 2.34
CA ARG A 153 -6.32 29.96 2.45
C ARG A 153 -6.24 28.85 1.40
N LEU A 154 -5.60 29.15 0.27
CA LEU A 154 -5.48 28.32 -0.94
C LEU A 154 -4.06 27.74 -1.06
N ALA A 155 -3.93 26.45 -1.31
CA ALA A 155 -2.63 25.87 -1.70
C ALA A 155 -2.22 26.39 -3.08
N PHE A 156 -3.21 26.66 -3.93
CA PHE A 156 -3.02 27.16 -5.31
C PHE A 156 -3.69 28.53 -5.47
N PRO A 157 -3.01 29.63 -5.08
CA PRO A 157 -3.54 30.97 -5.30
C PRO A 157 -3.48 31.48 -6.75
N GLU A 158 -2.39 31.26 -7.48
CA GLU A 158 -2.17 31.76 -8.88
C GLU A 158 -3.49 31.96 -9.65
N GLU A 159 -3.52 32.96 -10.54
CA GLU A 159 -4.76 33.54 -11.11
C GLU A 159 -5.35 32.65 -12.22
N ASN A 160 -4.56 31.76 -12.82
CA ASN A 160 -5.07 30.78 -13.83
C ASN A 160 -4.35 29.45 -13.62
N ASN A 161 -4.36 28.96 -12.39
CA ASN A 161 -3.62 27.74 -12.01
C ASN A 161 -4.37 26.53 -12.59
N ARG A 162 -3.60 25.48 -12.87
CA ARG A 162 -3.97 24.27 -13.65
C ARG A 162 -5.00 23.42 -12.89
N SER A 163 -5.32 23.76 -11.62
CA SER A 163 -6.10 22.91 -10.69
C SER A 163 -7.59 23.09 -10.85
N LEU A 164 -8.01 24.07 -11.66
CA LEU A 164 -9.43 24.49 -11.89
C LEU A 164 -9.89 24.29 -13.36
N LYS A 165 -9.04 23.78 -14.25
CA LYS A 165 -9.32 23.72 -15.71
C LYS A 165 -10.36 22.63 -15.93
N LYS A 166 -11.26 22.90 -16.88
CA LYS A 166 -12.26 21.95 -17.41
C LYS A 166 -11.45 20.86 -18.13
N ILE A 167 -11.83 19.58 -17.96
CA ILE A 167 -11.13 18.43 -18.61
C ILE A 167 -12.09 17.75 -19.59
N PRO A 168 -11.66 17.59 -20.86
CA PRO A 168 -12.49 16.93 -21.87
C PRO A 168 -12.40 15.40 -21.89
N LYS A 169 -13.38 14.77 -22.55
CA LYS A 169 -13.42 13.31 -22.80
C LYS A 169 -12.49 12.92 -23.97
N LEU A 170 -11.46 12.13 -23.66
CA LEU A 170 -10.73 11.27 -24.62
C LEU A 170 -11.70 10.72 -25.69
N GLU A 171 -11.29 10.92 -26.94
CA GLU A 171 -11.96 10.45 -28.18
C GLU A 171 -11.30 9.11 -28.54
N ASP A 172 -12.09 8.09 -28.85
CA ASP A 172 -11.58 6.84 -29.43
C ASP A 172 -11.10 7.20 -30.83
N PRO A 173 -10.03 6.58 -31.34
CA PRO A 173 -9.23 5.62 -30.58
C PRO A 173 -8.18 6.33 -29.67
N ALA A 174 -7.72 5.68 -28.62
CA ALA A 174 -6.74 6.18 -27.63
C ALA A 174 -5.37 5.76 -28.11
N GLN A 175 -4.35 6.60 -27.81
CA GLN A 175 -2.98 6.33 -28.24
C GLN A 175 -2.49 5.12 -27.43
N TYR A 176 -2.70 5.07 -26.12
CA TYR A 176 -2.36 3.90 -25.33
C TYR A 176 -3.55 3.42 -24.55
N SER A 177 -3.48 2.17 -24.11
CA SER A 177 -4.56 1.57 -23.30
C SER A 177 -3.98 0.49 -22.41
N MET A 178 -4.65 0.23 -21.29
CA MET A 178 -4.39 -0.93 -20.42
C MET A 178 -5.75 -1.44 -19.97
N ILE A 179 -5.99 -2.72 -20.22
CA ILE A 179 -7.33 -3.39 -20.39
C ILE A 179 -7.51 -4.37 -19.23
N GLY A 180 -8.72 -4.49 -18.69
CA GLY A 180 -9.08 -5.59 -17.78
C GLY A 180 -8.48 -5.39 -16.43
N LEU A 181 -8.43 -4.14 -15.94
CA LEU A 181 -7.90 -3.81 -14.59
C LEU A 181 -9.02 -4.05 -13.55
N LYS A 182 -8.74 -4.79 -12.47
CA LYS A 182 -9.76 -5.10 -11.40
C LYS A 182 -9.12 -4.90 -10.03
N PRO A 183 -9.85 -4.37 -9.02
CA PRO A 183 -9.30 -4.25 -7.67
C PRO A 183 -9.25 -5.62 -6.96
N ARG A 184 -8.31 -5.76 -6.03
CA ARG A 184 -8.16 -6.90 -5.10
C ARG A 184 -8.45 -6.36 -3.69
N ARG A 185 -8.56 -7.22 -2.68
CA ARG A 185 -8.92 -6.75 -1.31
C ARG A 185 -8.04 -5.57 -0.83
N ALA A 186 -6.72 -5.57 -1.10
CA ALA A 186 -5.82 -4.45 -0.72
C ALA A 186 -6.27 -3.14 -1.41
N ASP A 187 -7.02 -3.16 -2.50
CA ASP A 187 -7.51 -1.91 -3.14
C ASP A 187 -8.70 -1.39 -2.35
N LEU A 188 -9.26 -2.15 -1.41
CA LEU A 188 -10.53 -1.68 -0.76
C LEU A 188 -10.18 -0.98 0.59
N ASP A 189 -10.91 0.08 0.98
CA ASP A 189 -10.88 0.70 2.32
C ASP A 189 -11.70 -0.12 3.34
N MET A 190 -11.67 0.31 4.59
CA MET A 190 -12.48 -0.17 5.75
C MET A 190 -13.99 -0.17 5.50
N ASN A 191 -14.53 0.53 4.48
CA ASN A 191 -16.00 0.54 4.18
C ASN A 191 -16.30 -0.38 3.00
N GLN A 192 -15.26 -1.05 2.47
CA GLN A 192 -15.25 -2.06 1.36
C GLN A 192 -15.53 -1.38 0.02
N HIS A 193 -15.24 -0.08 -0.10
CA HIS A 193 -15.29 0.69 -1.38
C HIS A 193 -13.88 0.76 -1.95
N VAL A 194 -13.72 0.93 -3.27
CA VAL A 194 -12.34 0.96 -3.85
C VAL A 194 -11.67 2.22 -3.28
N ASN A 195 -10.39 2.14 -2.86
CA ASN A 195 -9.67 3.31 -2.29
C ASN A 195 -9.52 4.36 -3.41
N ASN A 196 -9.76 5.63 -3.13
CA ASN A 196 -9.70 6.71 -4.14
C ASN A 196 -8.33 6.79 -4.81
N VAL A 197 -7.27 6.25 -4.17
CA VAL A 197 -5.85 6.32 -4.61
C VAL A 197 -5.66 5.29 -5.73
N THR A 198 -6.41 4.18 -5.70
CA THR A 198 -6.33 3.05 -6.69
C THR A 198 -6.57 3.64 -8.10
N TYR A 199 -7.51 4.59 -8.21
CA TYR A 199 -7.90 5.24 -9.48
C TYR A 199 -6.68 5.93 -10.10
N ILE A 200 -5.89 6.62 -9.27
CA ILE A 200 -4.61 7.25 -9.66
C ILE A 200 -3.70 6.19 -10.28
N GLY A 201 -3.44 5.06 -9.56
CA GLY A 201 -2.66 3.92 -10.09
C GLY A 201 -3.15 3.47 -11.47
N TRP A 202 -4.48 3.27 -11.61
CA TRP A 202 -5.13 2.76 -12.87
C TRP A 202 -4.93 3.78 -14.01
N VAL A 203 -5.17 5.07 -13.73
CA VAL A 203 -4.92 6.16 -14.74
C VAL A 203 -3.44 6.06 -15.21
N LEU A 204 -2.48 5.82 -14.31
CA LEU A 204 -1.06 5.86 -14.69
C LEU A 204 -0.63 4.60 -15.45
N GLU A 205 -1.40 3.49 -15.39
CA GLU A 205 -1.03 2.20 -16.04
C GLU A 205 -1.06 2.31 -17.56
N SER A 206 -1.73 3.31 -18.13
CA SER A 206 -1.69 3.55 -19.60
C SER A 206 -0.48 4.42 -20.01
N ILE A 207 0.18 5.12 -19.10
CA ILE A 207 1.48 5.80 -19.44
C ILE A 207 2.48 4.71 -19.79
N PRO A 208 3.14 4.77 -20.96
CA PRO A 208 4.17 3.79 -21.29
C PRO A 208 5.35 3.82 -20.30
N GLN A 209 6.00 2.68 -20.12
CA GLN A 209 7.13 2.52 -19.16
C GLN A 209 8.22 3.54 -19.57
N GLU A 210 8.41 3.78 -20.86
CA GLU A 210 9.50 4.65 -21.38
C GLU A 210 9.33 6.10 -20.86
N ILE A 211 8.11 6.64 -20.86
CA ILE A 211 7.82 7.96 -20.26
C ILE A 211 8.21 7.91 -18.78
N VAL A 212 7.83 6.84 -18.06
CA VAL A 212 8.02 6.75 -16.58
C VAL A 212 9.50 6.66 -16.25
N ASP A 213 10.26 5.95 -17.09
CA ASP A 213 11.70 5.71 -16.91
C ASP A 213 12.53 6.95 -17.22
N THR A 214 12.06 7.83 -18.10
CA THR A 214 12.83 9.02 -18.54
C THR A 214 12.19 10.30 -18.02
N HIS A 215 11.01 10.23 -17.41
CA HIS A 215 10.38 11.45 -16.83
C HIS A 215 9.94 11.26 -15.39
N GLU A 216 9.58 12.41 -14.84
CA GLU A 216 9.13 12.68 -13.46
C GLU A 216 7.74 13.26 -13.62
N LEU A 217 6.76 12.74 -12.90
CA LEU A 217 5.37 13.29 -12.94
C LEU A 217 5.41 14.59 -12.14
N GLN A 218 4.95 15.68 -12.73
CA GLN A 218 4.88 17.01 -12.07
C GLN A 218 3.47 17.35 -11.58
N VAL A 219 2.44 17.14 -12.39
CA VAL A 219 1.02 17.46 -12.06
C VAL A 219 0.12 16.28 -12.39
N ILE A 220 -0.89 16.03 -11.56
CA ILE A 220 -2.03 15.13 -11.90
C ILE A 220 -3.30 15.81 -11.41
N THR A 221 -4.24 15.89 -12.31
CA THR A 221 -5.60 16.42 -12.13
C THR A 221 -6.59 15.28 -12.48
N LEU A 222 -7.38 14.86 -11.51
CA LEU A 222 -8.23 13.66 -11.66
C LEU A 222 -9.66 13.99 -11.19
N ASP A 223 -10.63 13.96 -12.11
CA ASP A 223 -12.08 13.99 -11.85
C ASP A 223 -12.59 12.59 -11.50
N TYR A 224 -13.50 12.49 -10.52
CA TYR A 224 -14.23 11.29 -10.09
C TYR A 224 -15.71 11.40 -10.58
N ARG A 225 -16.20 10.45 -11.38
CA ARG A 225 -17.58 10.53 -11.94
C ARG A 225 -18.48 9.52 -11.22
N ARG A 226 -18.09 8.24 -11.19
CA ARG A 226 -18.78 7.13 -10.51
C ARG A 226 -17.70 6.33 -9.81
N GLU A 227 -18.10 5.47 -8.89
CA GLU A 227 -17.20 4.50 -8.22
C GLU A 227 -17.08 3.18 -9.02
N CYS A 228 -15.94 2.48 -8.94
CA CYS A 228 -15.75 1.07 -9.42
C CYS A 228 -16.19 0.18 -8.24
N GLN A 229 -17.11 -0.72 -8.50
CA GLN A 229 -17.45 -1.78 -7.51
C GLN A 229 -16.37 -2.86 -7.51
N GLN A 230 -16.38 -3.65 -6.44
CA GLN A 230 -15.46 -4.76 -6.13
C GLN A 230 -15.48 -5.79 -7.28
N ASP A 231 -16.57 -5.89 -8.05
CA ASP A 231 -16.70 -6.86 -9.17
C ASP A 231 -16.76 -6.15 -10.56
N ASP A 232 -16.42 -4.87 -10.64
CA ASP A 232 -16.21 -4.16 -11.95
C ASP A 232 -14.78 -4.40 -12.46
N VAL A 233 -14.61 -4.28 -13.78
CA VAL A 233 -13.34 -4.32 -14.56
C VAL A 233 -13.22 -2.99 -15.33
N VAL A 234 -12.02 -2.41 -15.36
CA VAL A 234 -11.68 -1.04 -15.82
C VAL A 234 -10.64 -1.13 -16.95
N ASP A 235 -10.90 -0.30 -17.97
CA ASP A 235 -10.01 0.05 -19.09
C ASP A 235 -9.43 1.44 -18.86
N SER A 236 -8.10 1.58 -18.97
CA SER A 236 -7.33 2.83 -18.76
C SER A 236 -6.76 3.29 -20.10
N LEU A 237 -7.12 4.52 -20.50
CA LEU A 237 -6.90 5.05 -21.87
C LEU A 237 -6.10 6.37 -21.76
N THR A 238 -5.02 6.50 -22.53
CA THR A 238 -4.12 7.67 -22.56
C THR A 238 -3.85 8.12 -24.02
N THR A 239 -3.92 9.43 -24.24
CA THR A 239 -3.54 10.11 -25.50
C THR A 239 -2.63 11.27 -25.13
N THR A 240 -1.43 11.28 -25.69
CA THR A 240 -0.50 12.44 -25.63
C THR A 240 -1.24 13.66 -26.19
N THR A 241 -1.22 14.81 -25.52
CA THR A 241 -1.80 16.07 -26.02
C THR A 241 -0.74 17.17 -26.22
N SER A 242 0.49 16.98 -25.73
CA SER A 242 1.65 17.80 -26.13
C SER A 242 2.15 17.29 -27.51
N ASN A 259 10.05 19.82 -24.00
CA ASN A 259 10.68 19.34 -22.73
C ASN A 259 9.63 18.88 -21.70
N ASP A 260 8.37 19.28 -21.84
CA ASP A 260 7.23 18.81 -20.99
C ASP A 260 6.32 17.93 -21.83
N SER A 261 5.98 16.76 -21.30
CA SER A 261 4.97 15.82 -21.85
C SER A 261 3.66 16.02 -21.06
N GLN A 262 2.58 16.20 -21.79
CA GLN A 262 1.21 16.25 -21.21
C GLN A 262 0.48 15.06 -21.81
N PHE A 263 -0.49 14.52 -21.07
CA PHE A 263 -1.42 13.45 -21.52
C PHE A 263 -2.85 13.79 -21.11
N LEU A 264 -3.82 13.13 -21.74
CA LEU A 264 -5.26 13.23 -21.37
C LEU A 264 -5.61 11.79 -21.04
N HIS A 265 -6.50 11.58 -20.08
CA HIS A 265 -6.73 10.25 -19.46
C HIS A 265 -8.20 9.98 -19.37
N LEU A 266 -8.59 8.71 -19.60
CA LEU A 266 -9.96 8.25 -19.37
C LEU A 266 -9.91 6.85 -18.74
N LEU A 267 -10.59 6.68 -17.60
CA LEU A 267 -10.93 5.36 -17.01
C LEU A 267 -12.39 5.06 -17.36
N ARG A 268 -12.68 3.86 -17.86
CA ARG A 268 -14.09 3.47 -18.03
C ARG A 268 -14.34 2.00 -17.77
N LEU A 269 -15.54 1.67 -17.26
CA LEU A 269 -15.94 0.25 -17.03
C LEU A 269 -15.91 -0.42 -18.39
N SER A 270 -15.34 -1.62 -18.52
CA SER A 270 -15.29 -2.39 -19.80
C SER A 270 -16.58 -3.16 -20.03
N GLY A 271 -17.30 -3.48 -18.95
CA GLY A 271 -18.67 -4.03 -19.08
C GLY A 271 -19.68 -2.95 -19.49
N ASP A 272 -19.42 -2.21 -20.61
CA ASP A 272 -20.34 -1.26 -21.32
C ASP A 272 -19.71 0.12 -21.61
N GLY A 273 -18.53 0.44 -21.07
CA GLY A 273 -17.79 1.69 -21.40
C GLY A 273 -18.24 2.92 -20.59
N GLN A 274 -19.00 2.73 -19.51
CA GLN A 274 -19.34 3.75 -18.48
C GLN A 274 -18.10 4.53 -17.97
N GLU A 275 -18.11 5.86 -18.09
CA GLU A 275 -17.00 6.74 -17.62
C GLU A 275 -16.91 6.66 -16.09
N ILE A 276 -15.73 6.42 -15.54
CA ILE A 276 -15.58 6.47 -14.06
C ILE A 276 -14.64 7.62 -13.68
N ASN A 277 -13.58 7.89 -14.46
CA ASN A 277 -12.64 9.03 -14.22
C ASN A 277 -12.11 9.57 -15.54
N ARG A 278 -11.91 10.89 -15.58
CA ARG A 278 -11.12 11.63 -16.59
C ARG A 278 -10.01 12.43 -15.90
N GLY A 279 -8.98 12.77 -16.66
CA GLY A 279 -7.82 13.43 -16.06
C GLY A 279 -6.78 13.79 -17.09
N THR A 280 -5.79 14.56 -16.64
CA THR A 280 -4.59 15.11 -17.36
C THR A 280 -3.37 14.91 -16.46
N THR A 281 -2.22 14.55 -17.05
CA THR A 281 -0.91 14.56 -16.36
C THR A 281 0.07 15.43 -17.14
N LEU A 282 1.19 15.77 -16.51
CA LEU A 282 2.20 16.72 -17.05
C LEU A 282 3.56 16.27 -16.49
N TRP A 283 4.50 15.93 -17.37
CA TRP A 283 5.76 15.27 -16.95
C TRP A 283 6.94 16.05 -17.52
N ARG A 284 7.98 16.32 -16.73
CA ARG A 284 9.23 16.95 -17.25
C ARG A 284 10.30 15.86 -17.29
N LYS A 285 11.15 15.89 -18.33
CA LYS A 285 12.35 15.03 -18.45
C LYS A 285 13.29 15.30 -17.27
N LYS A 286 13.82 14.23 -16.64
CA LYS A 286 14.80 14.27 -15.52
C LYS A 286 16.13 14.86 -16.03
N GLY B 2 13.03 3.41 15.14
CA GLY B 2 13.79 2.21 15.02
C GLY B 2 15.21 2.32 15.58
N SER B 3 15.73 1.22 16.10
CA SER B 3 17.03 1.18 16.78
C SER B 3 17.40 -0.30 17.03
N LEU B 4 18.69 -0.61 16.96
CA LEU B 4 19.29 -1.86 17.48
C LEU B 4 19.06 -1.92 18.99
N THR B 5 18.97 -3.15 19.54
CA THR B 5 18.87 -3.43 20.99
C THR B 5 20.27 -3.25 21.58
N GLU B 6 20.41 -3.44 22.90
CA GLU B 6 21.66 -3.10 23.62
C GLU B 6 22.82 -3.91 23.00
N ASP B 7 22.60 -5.20 22.81
CA ASP B 7 23.66 -6.14 22.36
C ASP B 7 23.98 -5.94 20.86
N GLY B 8 23.22 -5.13 20.11
CA GLY B 8 23.40 -4.94 18.66
C GLY B 8 22.94 -6.12 17.81
N LEU B 9 22.25 -7.13 18.39
CA LEU B 9 21.89 -8.40 17.69
C LEU B 9 20.40 -8.49 17.28
N SER B 10 19.58 -7.49 17.54
CA SER B 10 18.22 -7.37 16.97
C SER B 10 17.85 -5.91 16.83
N TYR B 11 16.68 -5.64 16.24
CA TYR B 11 16.16 -4.30 15.86
C TYR B 11 14.68 -4.31 16.20
N LYS B 12 14.25 -3.27 16.92
CA LYS B 12 12.84 -2.96 17.26
C LYS B 12 12.39 -1.69 16.55
N GLU B 13 11.09 -1.58 16.21
CA GLU B 13 10.49 -0.34 15.62
C GLU B 13 8.98 -0.23 15.89
N LYS B 14 8.50 1.01 16.11
CA LYS B 14 7.10 1.23 16.47
C LYS B 14 6.39 1.81 15.25
N PHE B 15 5.17 1.33 14.96
CA PHE B 15 4.42 1.73 13.73
C PHE B 15 3.03 2.11 14.16
N VAL B 16 2.49 3.25 13.67
CA VAL B 16 1.10 3.70 14.02
C VAL B 16 0.23 3.19 12.90
N VAL B 17 -0.75 2.32 13.16
CA VAL B 17 -1.58 1.72 12.07
C VAL B 17 -2.40 2.84 11.35
N ARG B 18 -2.34 2.88 10.02
CA ARG B 18 -2.92 3.99 9.21
C ARG B 18 -4.34 3.62 8.76
N SER B 19 -5.20 4.62 8.55
CA SER B 19 -6.55 4.54 7.92
C SER B 19 -6.63 3.49 6.83
N TYR B 20 -5.81 3.62 5.78
CA TYR B 20 -5.89 2.84 4.52
C TYR B 20 -5.24 1.45 4.69
N GLU B 21 -4.64 1.17 5.83
CA GLU B 21 -3.89 -0.10 6.05
C GLU B 21 -4.80 -1.14 6.69
N VAL B 22 -6.05 -0.79 7.02
CA VAL B 22 -6.98 -1.70 7.75
C VAL B 22 -8.16 -2.04 6.85
N GLY B 23 -8.79 -3.18 7.13
CA GLY B 23 -10.00 -3.72 6.44
C GLY B 23 -11.28 -3.46 7.21
N SER B 24 -12.35 -4.14 6.83
CA SER B 24 -13.75 -3.79 7.21
C SER B 24 -13.99 -3.84 8.73
N ASN B 25 -13.18 -4.56 9.52
CA ASN B 25 -13.18 -4.56 11.03
C ASN B 25 -12.19 -3.56 11.63
N LYS B 26 -11.53 -2.74 10.83
CA LYS B 26 -10.78 -1.56 11.32
C LYS B 26 -9.55 -2.05 12.09
N THR B 27 -9.05 -3.23 11.72
CA THR B 27 -7.74 -3.76 12.15
C THR B 27 -6.89 -4.07 10.91
N ALA B 28 -5.57 -3.99 11.05
CA ALA B 28 -4.55 -4.21 10.01
C ALA B 28 -4.83 -5.50 9.25
N THR B 29 -4.69 -5.44 7.92
CA THR B 29 -4.66 -6.62 7.01
C THR B 29 -3.32 -7.35 7.20
N VAL B 30 -3.28 -8.62 6.83
CA VAL B 30 -2.04 -9.45 6.94
C VAL B 30 -1.02 -8.92 5.93
N GLU B 31 -1.48 -8.15 4.96
CA GLU B 31 -0.63 -7.52 3.92
C GLU B 31 0.06 -6.29 4.53
N THR B 32 -0.68 -5.47 5.28
CA THR B 32 -0.12 -4.41 6.13
C THR B 32 0.93 -5.04 7.04
N ILE B 33 0.58 -6.08 7.79
CA ILE B 33 1.53 -6.73 8.73
C ILE B 33 2.77 -7.14 7.94
N ALA B 34 2.60 -7.75 6.76
CA ALA B 34 3.73 -8.28 5.99
C ALA B 34 4.56 -7.12 5.42
N ASN B 35 3.93 -6.00 5.05
CA ASN B 35 4.67 -4.77 4.64
C ASN B 35 5.49 -4.26 5.81
N LEU B 36 4.94 -4.18 7.01
CA LEU B 36 5.67 -3.70 8.22
C LEU B 36 6.86 -4.60 8.55
N LEU B 37 6.68 -5.93 8.44
CA LEU B 37 7.80 -6.89 8.65
C LEU B 37 8.98 -6.57 7.72
N GLN B 38 8.70 -6.28 6.44
CA GLN B 38 9.73 -6.04 5.41
C GLN B 38 10.41 -4.69 5.65
N GLU B 39 9.67 -3.70 6.17
CA GLU B 39 10.24 -2.36 6.49
C GLU B 39 11.19 -2.45 7.69
N VAL B 40 10.79 -3.05 8.80
CA VAL B 40 11.75 -3.27 9.94
C VAL B 40 12.94 -4.12 9.44
N GLY B 41 12.71 -5.14 8.65
CA GLY B 41 13.84 -5.92 8.08
C GLY B 41 14.82 -5.00 7.34
N CYS B 42 14.34 -4.22 6.37
CA CYS B 42 15.14 -3.24 5.63
C CYS B 42 15.83 -2.29 6.63
N ASN B 43 15.16 -1.85 7.67
CA ASN B 43 15.72 -0.79 8.57
C ASN B 43 16.85 -1.39 9.40
N HIS B 44 16.71 -2.66 9.79
CA HIS B 44 17.76 -3.46 10.46
C HIS B 44 18.99 -3.64 9.56
N ALA B 45 18.81 -4.05 8.30
CA ALA B 45 19.89 -4.15 7.31
C ALA B 45 20.69 -2.84 7.26
N GLN B 46 20.05 -1.69 7.15
CA GLN B 46 20.72 -0.37 7.10
C GLN B 46 21.50 -0.10 8.39
N SER B 47 20.89 -0.30 9.55
CA SER B 47 21.50 -0.05 10.88
C SER B 47 22.83 -0.82 11.05
N VAL B 48 23.00 -1.98 10.42
CA VAL B 48 24.25 -2.76 10.68
C VAL B 48 25.17 -2.62 9.47
N GLY B 49 24.86 -1.76 8.51
CA GLY B 49 25.85 -1.25 7.56
C GLY B 49 25.67 -1.71 6.14
N PHE B 50 24.45 -2.10 5.74
CA PHE B 50 24.07 -2.39 4.32
C PHE B 50 23.34 -1.19 3.71
N SER B 51 24.00 -0.23 3.04
CA SER B 51 23.38 1.11 2.80
C SER B 51 22.34 1.08 1.66
N ALA B 56 20.63 -5.39 0.11
CA ALA B 56 21.36 -5.94 1.26
C ALA B 56 22.33 -7.03 0.79
N THR B 57 23.61 -6.68 0.68
CA THR B 57 24.66 -7.53 0.07
C THR B 57 25.93 -7.41 0.92
N THR B 58 26.50 -8.53 1.34
CA THR B 58 27.81 -8.57 2.04
C THR B 58 28.92 -8.48 0.97
N THR B 59 30.16 -8.44 1.40
CA THR B 59 31.36 -8.47 0.52
C THR B 59 31.54 -9.91 0.03
N THR B 60 31.90 -10.09 -1.24
CA THR B 60 32.01 -11.40 -1.93
C THR B 60 30.62 -11.81 -2.44
N MET B 61 29.56 -11.39 -1.74
CA MET B 61 28.15 -11.45 -2.20
C MET B 61 27.99 -10.52 -3.41
N ARG B 62 28.38 -9.24 -3.28
CA ARG B 62 28.29 -8.23 -4.37
C ARG B 62 29.38 -8.49 -5.42
N LYS B 63 30.42 -9.28 -5.10
CA LYS B 63 31.56 -9.57 -6.00
C LYS B 63 31.21 -10.75 -6.93
N LEU B 64 30.40 -11.71 -6.48
CA LEU B 64 29.89 -12.79 -7.35
C LEU B 64 28.39 -12.61 -7.62
N HIS B 65 27.92 -11.36 -7.62
CA HIS B 65 26.55 -10.94 -8.04
C HIS B 65 25.49 -11.80 -7.34
N LEU B 66 25.59 -11.98 -6.02
CA LEU B 66 24.64 -12.82 -5.23
C LEU B 66 23.72 -11.92 -4.42
N ILE B 67 22.47 -12.36 -4.22
CA ILE B 67 21.47 -11.70 -3.33
C ILE B 67 20.73 -12.76 -2.51
N TRP B 68 20.24 -12.38 -1.32
CA TRP B 68 19.26 -13.16 -0.52
C TRP B 68 17.91 -13.13 -1.23
N VAL B 69 17.25 -14.28 -1.39
CA VAL B 69 15.83 -14.38 -1.84
C VAL B 69 15.08 -15.30 -0.87
N THR B 70 13.81 -14.99 -0.61
CA THR B 70 12.92 -15.70 0.33
C THR B 70 12.49 -17.03 -0.30
N ALA B 71 12.64 -18.13 0.43
CA ALA B 71 12.11 -19.47 0.10
C ALA B 71 10.71 -19.59 0.72
N ARG B 72 10.58 -19.19 1.98
CA ARG B 72 9.36 -19.40 2.82
C ARG B 72 9.10 -18.17 3.68
N MET B 73 7.83 -17.76 3.78
CA MET B 73 7.30 -16.82 4.80
C MET B 73 6.21 -17.55 5.60
N HIS B 74 6.30 -17.51 6.93
CA HIS B 74 5.30 -18.11 7.86
C HIS B 74 4.90 -17.11 8.95
N ILE B 75 3.61 -16.79 9.07
CA ILE B 75 3.06 -15.68 9.90
C ILE B 75 1.88 -16.22 10.72
N GLU B 76 1.97 -16.10 12.05
N GLU B 76 1.94 -16.02 12.05
N GLU B 76 1.96 -16.02 12.04
CA GLU B 76 0.82 -16.37 12.95
CA GLU B 76 0.85 -16.39 12.98
CA GLU B 76 0.86 -16.35 12.99
C GLU B 76 0.42 -15.06 13.63
C GLU B 76 0.40 -15.12 13.72
C GLU B 76 0.41 -15.06 13.68
N ILE B 77 -0.88 -14.75 13.61
CA ILE B 77 -1.48 -13.54 14.25
C ILE B 77 -2.52 -13.94 15.27
N TYR B 78 -2.33 -13.47 16.52
CA TYR B 78 -3.24 -13.70 17.67
C TYR B 78 -4.19 -12.50 17.82
N LYS B 79 -3.76 -11.32 17.36
CA LYS B 79 -4.60 -10.10 17.37
C LYS B 79 -4.04 -9.09 16.36
N TYR B 80 -4.88 -8.66 15.41
CA TYR B 80 -4.53 -7.66 14.37
C TYR B 80 -4.64 -6.29 15.02
N PRO B 81 -3.65 -5.40 15.01
CA PRO B 81 -3.79 -4.13 15.70
C PRO B 81 -4.90 -3.26 15.06
N ALA B 82 -5.56 -2.43 15.89
CA ALA B 82 -6.65 -1.54 15.45
C ALA B 82 -6.04 -0.32 14.75
N TRP B 83 -6.90 0.44 14.07
CA TRP B 83 -6.59 1.74 13.40
C TRP B 83 -6.20 2.79 14.44
N GLY B 84 -4.92 3.18 14.49
CA GLY B 84 -4.38 4.20 15.42
C GLY B 84 -3.58 3.58 16.56
N ASP B 85 -3.64 2.26 16.73
CA ASP B 85 -2.79 1.51 17.70
C ASP B 85 -1.36 1.45 17.15
N VAL B 86 -0.42 1.03 18.02
CA VAL B 86 1.03 0.94 17.71
C VAL B 86 1.46 -0.52 17.92
N VAL B 87 1.94 -1.18 16.86
CA VAL B 87 2.55 -2.55 16.97
C VAL B 87 4.07 -2.39 17.08
N GLU B 88 4.67 -2.96 18.14
CA GLU B 88 6.14 -3.00 18.32
C GLU B 88 6.64 -4.34 17.76
N ILE B 89 7.42 -4.29 16.67
CA ILE B 89 8.03 -5.48 16.00
C ILE B 89 9.54 -5.52 16.32
N GLU B 90 10.03 -6.66 16.80
CA GLU B 90 11.48 -6.95 16.96
C GLU B 90 11.87 -8.04 15.94
N THR B 91 13.01 -7.83 15.27
CA THR B 91 13.47 -8.71 14.18
C THR B 91 14.94 -8.99 14.39
N TRP B 92 15.38 -10.13 13.86
CA TRP B 92 16.77 -10.65 13.98
C TRP B 92 16.98 -11.75 12.94
N CYS B 93 18.22 -11.91 12.47
CA CYS B 93 18.59 -12.99 11.55
C CYS B 93 19.37 -14.04 12.30
N GLN B 94 19.55 -15.19 11.66
CA GLN B 94 20.38 -16.31 12.17
C GLN B 94 20.96 -17.08 10.98
N SER B 95 22.16 -17.64 11.15
CA SER B 95 22.80 -18.57 10.19
C SER B 95 22.11 -19.94 10.29
N GLU B 96 21.70 -20.48 9.15
CA GLU B 96 21.26 -21.89 8.99
C GLU B 96 22.33 -22.59 8.16
N GLY B 97 23.58 -22.51 8.63
CA GLY B 97 24.76 -23.14 8.00
C GLY B 97 24.88 -22.71 6.55
N ARG B 98 25.38 -23.59 5.68
CA ARG B 98 25.55 -23.24 4.24
C ARG B 98 24.24 -23.53 3.50
N ILE B 99 23.20 -24.02 4.19
CA ILE B 99 21.82 -24.13 3.63
C ILE B 99 21.39 -22.72 3.22
N GLY B 100 21.08 -21.85 4.20
CA GLY B 100 20.69 -20.45 3.96
C GLY B 100 20.66 -19.63 5.25
N THR B 101 19.81 -18.60 5.26
CA THR B 101 19.62 -17.63 6.37
C THR B 101 18.15 -17.61 6.79
N ARG B 102 17.87 -17.32 8.07
CA ARG B 102 16.50 -17.18 8.63
C ARG B 102 16.33 -15.75 9.17
N ARG B 103 15.13 -15.18 9.03
CA ARG B 103 14.79 -13.86 9.63
C ARG B 103 13.49 -14.15 10.37
N ASP B 104 13.44 -13.76 11.66
CA ASP B 104 12.31 -13.97 12.60
C ASP B 104 11.77 -12.62 13.08
N TRP B 105 10.46 -12.55 13.38
CA TRP B 105 9.78 -11.35 13.92
C TRP B 105 8.91 -11.73 15.12
N ILE B 106 8.77 -10.81 16.07
CA ILE B 106 7.72 -10.82 17.13
C ILE B 106 7.05 -9.44 17.12
N LEU B 107 5.71 -9.41 17.13
CA LEU B 107 4.88 -8.19 17.21
C LEU B 107 4.26 -8.16 18.61
N LYS B 108 4.12 -6.98 19.21
CA LYS B 108 3.51 -6.78 20.56
C LYS B 108 2.62 -5.54 20.53
N ASP B 109 1.59 -5.50 21.38
CA ASP B 109 0.78 -4.29 21.65
C ASP B 109 1.66 -3.35 22.50
N SER B 110 2.01 -2.17 21.96
CA SER B 110 2.99 -1.22 22.55
C SER B 110 2.50 -0.72 23.92
N VAL B 111 1.19 -0.80 24.19
CA VAL B 111 0.55 -0.30 25.43
C VAL B 111 0.47 -1.44 26.47
N THR B 112 0.37 -2.70 26.02
CA THR B 112 0.23 -3.89 26.92
C THR B 112 1.56 -4.64 27.04
N GLY B 113 2.40 -4.63 26.00
CA GLY B 113 3.68 -5.35 25.93
C GLY B 113 3.49 -6.83 25.58
N GLU B 114 2.24 -7.27 25.42
CA GLU B 114 1.85 -8.69 25.21
C GLU B 114 2.00 -9.00 23.71
N VAL B 115 2.46 -10.22 23.39
CA VAL B 115 2.72 -10.70 21.99
C VAL B 115 1.37 -10.78 21.25
N THR B 116 1.33 -10.30 20.00
CA THR B 116 0.10 -10.26 19.18
C THR B 116 0.30 -11.03 17.89
N GLY B 117 1.55 -11.25 17.51
CA GLY B 117 1.88 -12.06 16.32
C GLY B 117 3.34 -12.47 16.34
N ARG B 118 3.70 -13.44 15.51
N ARG B 118 3.70 -13.44 15.51
N ARG B 118 3.70 -13.43 15.50
CA ARG B 118 5.10 -13.90 15.31
CA ARG B 118 5.10 -13.90 15.31
CA ARG B 118 5.11 -13.86 15.29
C ARG B 118 5.25 -14.39 13.86
C ARG B 118 5.25 -14.39 13.86
C ARG B 118 5.25 -14.37 13.85
N ALA B 119 6.41 -14.14 13.25
CA ALA B 119 6.66 -14.46 11.82
C ALA B 119 8.09 -14.97 11.65
N THR B 120 8.25 -16.06 10.89
CA THR B 120 9.54 -16.66 10.52
C THR B 120 9.61 -16.69 8.98
N SER B 121 10.82 -16.57 8.43
CA SER B 121 11.09 -16.57 6.96
C SER B 121 12.41 -17.27 6.64
N LYS B 122 12.44 -18.06 5.57
CA LYS B 122 13.63 -18.82 5.10
C LYS B 122 14.16 -18.16 3.81
N TRP B 123 15.48 -17.92 3.75
CA TRP B 123 16.20 -17.21 2.67
C TRP B 123 17.37 -18.05 2.15
N VAL B 124 17.51 -18.16 0.82
CA VAL B 124 18.63 -18.84 0.11
C VAL B 124 19.35 -17.83 -0.80
N MET B 125 20.57 -18.13 -1.22
CA MET B 125 21.33 -17.27 -2.17
C MET B 125 20.84 -17.59 -3.59
N MET B 126 20.80 -16.59 -4.47
CA MET B 126 20.72 -16.81 -5.93
C MET B 126 21.54 -15.72 -6.63
N ASN B 127 22.03 -16.03 -7.83
CA ASN B 127 22.97 -15.17 -8.59
C ASN B 127 22.33 -13.78 -8.70
N GLN B 128 21.37 -13.61 -9.61
CA GLN B 128 20.56 -12.37 -9.80
C GLN B 128 20.47 -12.11 -11.30
N ASP B 129 21.50 -12.52 -12.05
CA ASP B 129 21.53 -12.50 -13.54
C ASP B 129 20.94 -13.82 -14.06
N THR B 130 21.40 -14.95 -13.54
CA THR B 130 21.06 -16.33 -13.98
C THR B 130 19.91 -16.91 -13.15
N ARG B 131 19.84 -16.53 -11.88
CA ARG B 131 18.79 -16.91 -10.89
C ARG B 131 18.96 -18.37 -10.46
N ARG B 132 20.19 -18.92 -10.46
CA ARG B 132 20.46 -20.30 -10.00
C ARG B 132 20.60 -20.30 -8.47
N LEU B 133 19.74 -21.08 -7.78
CA LEU B 133 19.60 -21.14 -6.30
C LEU B 133 20.74 -21.99 -5.73
N GLN B 134 21.95 -21.44 -5.68
CA GLN B 134 23.11 -22.08 -5.02
C GLN B 134 23.10 -21.67 -3.54
N LYS B 135 24.13 -22.05 -2.78
CA LYS B 135 24.07 -22.03 -1.30
C LYS B 135 25.20 -21.16 -0.71
N VAL B 136 25.17 -21.00 0.61
CA VAL B 136 25.94 -19.97 1.38
C VAL B 136 27.38 -20.45 1.57
N SER B 137 28.35 -19.83 0.88
CA SER B 137 29.81 -20.03 1.11
C SER B 137 30.20 -19.39 2.46
N ASP B 138 31.49 -19.45 2.83
CA ASP B 138 32.03 -18.91 4.10
C ASP B 138 32.73 -17.56 3.83
N ASP B 139 32.35 -16.87 2.75
CA ASP B 139 32.57 -15.42 2.54
C ASP B 139 31.19 -14.75 2.50
N VAL B 140 30.24 -15.32 1.74
CA VAL B 140 28.80 -14.91 1.74
C VAL B 140 28.19 -15.34 3.08
N ARG B 141 29.01 -15.91 3.98
CA ARG B 141 28.73 -16.13 5.42
C ARG B 141 29.88 -15.51 6.22
N ASP B 142 30.09 -15.93 7.48
CA ASP B 142 31.17 -15.42 8.38
C ASP B 142 31.08 -13.89 8.50
N GLU B 143 30.90 -13.20 7.37
CA GLU B 143 30.74 -11.73 7.28
C GLU B 143 29.40 -11.28 7.86
N TYR B 144 28.36 -12.13 7.92
CA TYR B 144 27.02 -11.77 8.44
C TYR B 144 26.73 -12.44 9.79
N LEU B 145 27.52 -13.42 10.23
CA LEU B 145 27.31 -14.05 11.57
C LEU B 145 27.56 -13.03 12.69
N VAL B 146 28.41 -12.02 12.47
CA VAL B 146 28.78 -10.96 13.47
C VAL B 146 27.58 -10.03 13.73
N PHE B 147 26.45 -10.20 13.03
CA PHE B 147 25.18 -9.43 13.20
C PHE B 147 24.06 -10.34 13.73
N CYS B 148 24.35 -11.62 13.94
CA CYS B 148 23.36 -12.65 14.35
C CYS B 148 23.75 -13.15 15.73
N PRO B 149 22.73 -13.36 16.62
CA PRO B 149 22.90 -14.24 17.78
C PRO B 149 23.35 -15.64 17.33
N GLN B 150 24.37 -16.18 17.98
CA GLN B 150 25.02 -17.43 17.51
C GLN B 150 24.40 -18.67 18.19
N GLU B 151 23.87 -18.49 19.38
CA GLU B 151 23.02 -19.48 20.07
C GLU B 151 21.64 -19.34 19.47
N PRO B 152 20.85 -20.41 19.46
CA PRO B 152 19.53 -20.36 18.80
C PRO B 152 18.56 -19.39 19.48
N ARG B 153 17.83 -18.65 18.65
CA ARG B 153 16.72 -17.75 19.04
C ARG B 153 15.62 -17.84 17.96
N LEU B 154 14.46 -18.40 18.30
CA LEU B 154 13.41 -18.91 17.38
C LEU B 154 12.04 -18.29 17.75
N ALA B 155 11.42 -17.58 16.83
CA ALA B 155 10.04 -17.08 17.02
C ALA B 155 9.14 -18.30 17.22
N PHE B 156 9.45 -19.42 16.57
CA PHE B 156 8.67 -20.69 16.56
C PHE B 156 9.58 -21.82 17.06
N PRO B 157 9.79 -21.89 18.39
CA PRO B 157 10.71 -22.89 18.92
C PRO B 157 10.18 -24.34 18.76
N GLU B 158 8.89 -24.55 19.06
CA GLU B 158 8.25 -25.88 19.28
C GLU B 158 8.62 -26.88 18.17
N GLU B 159 9.08 -28.10 18.54
CA GLU B 159 9.37 -29.22 17.59
C GLU B 159 8.00 -29.78 17.23
N ASN B 160 7.86 -30.26 15.98
CA ASN B 160 6.55 -30.43 15.28
C ASN B 160 5.75 -29.12 15.44
N ASN B 161 5.86 -28.22 14.47
CA ASN B 161 5.20 -26.88 14.47
C ASN B 161 4.94 -26.45 13.01
N ARG B 162 3.84 -25.74 12.79
CA ARG B 162 3.24 -25.43 11.46
C ARG B 162 4.33 -24.94 10.48
N SER B 163 5.23 -24.06 10.95
CA SER B 163 6.13 -23.19 10.14
C SER B 163 7.14 -23.99 9.31
N LEU B 164 7.39 -25.26 9.64
CA LEU B 164 8.39 -26.15 8.96
C LEU B 164 7.74 -27.29 8.11
N LYS B 165 6.40 -27.37 8.00
CA LYS B 165 5.69 -28.51 7.37
C LYS B 165 5.78 -28.43 5.84
N LYS B 166 5.95 -29.60 5.21
CA LYS B 166 5.87 -29.81 3.74
C LYS B 166 4.47 -29.44 3.26
N ILE B 167 4.36 -28.65 2.20
CA ILE B 167 3.06 -28.29 1.57
C ILE B 167 2.95 -29.01 0.24
N PRO B 168 1.83 -29.68 -0.03
CA PRO B 168 1.64 -30.27 -1.34
C PRO B 168 1.01 -29.35 -2.38
N LYS B 169 0.86 -29.90 -3.57
CA LYS B 169 0.41 -29.17 -4.76
C LYS B 169 -1.07 -29.47 -4.93
N LEU B 170 -1.90 -28.43 -4.95
CA LEU B 170 -3.33 -28.49 -5.25
C LEU B 170 -3.54 -29.35 -6.50
N GLU B 171 -4.58 -30.18 -6.45
CA GLU B 171 -4.99 -31.05 -7.58
C GLU B 171 -6.11 -30.31 -8.31
N ASP B 172 -5.96 -30.10 -9.61
CA ASP B 172 -7.10 -29.70 -10.47
C ASP B 172 -8.15 -30.79 -10.32
N PRO B 173 -9.45 -30.48 -10.17
CA PRO B 173 -9.96 -29.10 -10.15
C PRO B 173 -9.98 -28.44 -8.76
N ALA B 174 -9.83 -27.13 -8.71
CA ALA B 174 -9.74 -26.39 -7.44
C ALA B 174 -11.17 -26.16 -7.02
N GLN B 175 -11.45 -26.03 -5.72
CA GLN B 175 -12.80 -25.69 -5.26
C GLN B 175 -13.10 -24.23 -5.62
N TYR B 176 -12.15 -23.30 -5.42
CA TYR B 176 -12.32 -21.89 -5.80
C TYR B 176 -11.15 -21.45 -6.67
N SER B 177 -11.30 -20.33 -7.38
CA SER B 177 -10.26 -19.77 -8.26
C SER B 177 -10.51 -18.28 -8.46
N MET B 178 -9.46 -17.51 -8.73
CA MET B 178 -9.57 -16.12 -9.19
C MET B 178 -8.57 -16.00 -10.32
N ILE B 179 -9.02 -15.75 -11.55
CA ILE B 179 -8.11 -15.88 -12.72
C ILE B 179 -7.78 -14.49 -13.31
N GLY B 180 -6.69 -14.40 -14.05
CA GLY B 180 -6.32 -13.16 -14.76
C GLY B 180 -5.75 -12.11 -13.83
N LEU B 181 -5.16 -12.44 -12.70
CA LEU B 181 -4.48 -11.42 -11.84
C LEU B 181 -3.19 -10.87 -12.49
N LYS B 182 -3.08 -9.54 -12.59
CA LYS B 182 -1.91 -8.79 -13.16
C LYS B 182 -1.37 -7.80 -12.14
N PRO B 183 -0.03 -7.67 -11.93
CA PRO B 183 0.50 -6.64 -11.06
C PRO B 183 0.50 -5.29 -11.81
N ARG B 184 0.21 -4.20 -11.11
CA ARG B 184 0.31 -2.83 -11.64
C ARG B 184 1.57 -2.22 -11.01
N ARG B 185 1.86 -0.94 -11.23
CA ARG B 185 3.22 -0.41 -10.85
C ARG B 185 3.38 -0.27 -9.32
N ALA B 186 2.28 -0.09 -8.59
CA ALA B 186 2.22 -0.07 -7.12
C ALA B 186 2.66 -1.44 -6.59
N ASP B 187 2.49 -2.52 -7.35
CA ASP B 187 2.90 -3.89 -6.92
C ASP B 187 4.42 -4.08 -7.05
N LEU B 188 5.16 -3.21 -7.70
CA LEU B 188 6.62 -3.40 -7.93
C LEU B 188 7.45 -2.73 -6.81
N ASP B 189 8.61 -3.28 -6.46
CA ASP B 189 9.58 -2.61 -5.54
C ASP B 189 10.47 -1.67 -6.37
N MET B 190 11.46 -1.05 -5.70
CA MET B 190 12.53 -0.17 -6.23
C MET B 190 13.47 -0.89 -7.22
N ASN B 191 13.39 -2.22 -7.38
CA ASN B 191 14.19 -2.96 -8.39
C ASN B 191 13.28 -3.43 -9.53
N GLN B 192 12.02 -3.00 -9.48
CA GLN B 192 10.94 -3.25 -10.49
C GLN B 192 10.62 -4.74 -10.56
N HIS B 193 10.91 -5.47 -9.48
CA HIS B 193 10.36 -6.82 -9.23
C HIS B 193 9.06 -6.69 -8.45
N VAL B 194 8.16 -7.65 -8.66
CA VAL B 194 6.87 -7.72 -7.95
C VAL B 194 7.22 -7.89 -6.48
N ASN B 195 6.67 -7.09 -5.60
CA ASN B 195 6.99 -7.14 -4.15
C ASN B 195 6.37 -8.44 -3.63
N ASN B 196 7.07 -9.09 -2.70
CA ASN B 196 6.73 -10.44 -2.16
C ASN B 196 5.37 -10.41 -1.47
N VAL B 197 4.94 -9.22 -1.00
CA VAL B 197 3.68 -9.04 -0.25
C VAL B 197 2.47 -9.22 -1.18
N THR B 198 2.62 -8.85 -2.47
CA THR B 198 1.58 -9.02 -3.53
C THR B 198 1.17 -10.51 -3.67
N TYR B 199 2.11 -11.46 -3.66
CA TYR B 199 1.75 -12.88 -3.80
C TYR B 199 0.82 -13.27 -2.65
N ILE B 200 0.98 -12.66 -1.48
CA ILE B 200 0.14 -12.93 -0.28
C ILE B 200 -1.29 -12.50 -0.62
N GLY B 201 -1.43 -11.31 -1.22
CA GLY B 201 -2.72 -10.74 -1.64
C GLY B 201 -3.36 -11.60 -2.70
N TRP B 202 -2.56 -12.01 -3.70
CA TRP B 202 -2.97 -12.90 -4.81
C TRP B 202 -3.51 -14.25 -4.30
N VAL B 203 -2.80 -14.90 -3.34
CA VAL B 203 -3.25 -16.17 -2.67
C VAL B 203 -4.60 -15.99 -1.89
N LEU B 204 -4.77 -14.93 -1.12
CA LEU B 204 -6.02 -14.71 -0.39
C LEU B 204 -7.18 -14.34 -1.31
N GLU B 205 -6.92 -13.89 -2.55
CA GLU B 205 -7.97 -13.44 -3.50
C GLU B 205 -8.94 -14.56 -3.89
N SER B 206 -8.52 -15.81 -3.87
CA SER B 206 -9.38 -16.98 -4.14
C SER B 206 -10.07 -17.51 -2.89
N ILE B 207 -9.82 -16.98 -1.69
CA ILE B 207 -10.64 -17.34 -0.49
C ILE B 207 -11.94 -16.61 -0.69
N PRO B 208 -13.10 -17.29 -0.61
CA PRO B 208 -14.38 -16.60 -0.78
C PRO B 208 -14.63 -15.57 0.33
N GLN B 209 -15.33 -14.48 -0.01
CA GLN B 209 -15.64 -13.28 0.80
C GLN B 209 -16.44 -13.71 2.06
N GLU B 210 -17.31 -14.70 1.94
CA GLU B 210 -18.09 -15.25 3.08
C GLU B 210 -17.14 -15.69 4.22
N ILE B 211 -16.04 -16.40 3.91
CA ILE B 211 -14.97 -16.77 4.88
C ILE B 211 -14.36 -15.49 5.46
N VAL B 212 -13.88 -14.57 4.64
CA VAL B 212 -13.20 -13.35 5.16
C VAL B 212 -14.15 -12.62 6.10
N ASP B 213 -15.45 -12.59 5.77
CA ASP B 213 -16.51 -11.88 6.54
C ASP B 213 -16.83 -12.54 7.89
N THR B 214 -16.60 -13.85 8.04
CA THR B 214 -17.01 -14.64 9.24
C THR B 214 -15.80 -15.17 10.00
N HIS B 215 -14.61 -15.17 9.39
CA HIS B 215 -13.40 -15.64 10.07
C HIS B 215 -12.32 -14.57 10.06
N GLU B 216 -11.30 -14.80 10.88
CA GLU B 216 -10.02 -14.06 10.95
C GLU B 216 -8.93 -15.07 10.61
N LEU B 217 -7.99 -14.67 9.75
CA LEU B 217 -6.82 -15.49 9.36
C LEU B 217 -5.89 -15.61 10.58
N GLN B 218 -5.65 -16.82 11.03
CA GLN B 218 -4.75 -17.05 12.19
C GLN B 218 -3.35 -17.40 11.66
N VAL B 219 -3.24 -18.18 10.59
CA VAL B 219 -1.91 -18.66 10.12
C VAL B 219 -1.87 -18.62 8.60
N ILE B 220 -0.73 -18.19 8.03
CA ILE B 220 -0.36 -18.28 6.58
C ILE B 220 1.08 -18.81 6.42
N THR B 221 1.24 -19.96 5.79
CA THR B 221 2.52 -20.52 5.29
C THR B 221 2.57 -20.38 3.76
N LEU B 222 3.61 -19.75 3.22
CA LEU B 222 3.72 -19.57 1.75
C LEU B 222 5.15 -19.87 1.24
N ASP B 223 5.29 -20.86 0.36
CA ASP B 223 6.51 -21.12 -0.46
C ASP B 223 6.54 -20.20 -1.69
N TYR B 224 7.73 -19.70 -2.02
CA TYR B 224 8.10 -18.95 -3.24
C TYR B 224 8.93 -19.89 -4.15
N ARG B 225 8.41 -20.20 -5.34
CA ARG B 225 9.09 -21.15 -6.27
C ARG B 225 9.78 -20.38 -7.39
N ARG B 226 9.15 -19.30 -7.87
CA ARG B 226 9.55 -18.55 -9.09
C ARG B 226 8.83 -17.20 -9.04
N GLU B 227 9.47 -16.19 -9.65
N GLU B 227 9.45 -16.20 -9.66
N GLU B 227 9.47 -16.19 -9.65
CA GLU B 227 8.99 -14.77 -9.65
CA GLU B 227 8.98 -14.78 -9.66
CA GLU B 227 8.99 -14.77 -9.65
C GLU B 227 7.90 -14.59 -10.71
C GLU B 227 7.90 -14.59 -10.72
C GLU B 227 7.90 -14.59 -10.71
N CYS B 228 6.96 -13.68 -10.47
CA CYS B 228 5.98 -13.21 -11.47
C CYS B 228 6.60 -11.91 -12.02
N GLN B 229 6.74 -11.83 -13.34
CA GLN B 229 7.25 -10.60 -14.00
C GLN B 229 6.10 -9.67 -14.34
N GLN B 230 6.49 -8.43 -14.64
CA GLN B 230 5.62 -7.28 -14.95
C GLN B 230 4.54 -7.67 -15.95
N ASP B 231 4.86 -8.37 -17.03
CA ASP B 231 3.86 -8.72 -18.07
C ASP B 231 3.37 -10.18 -17.88
N ASP B 232 3.60 -10.83 -16.74
CA ASP B 232 2.97 -12.15 -16.46
C ASP B 232 1.54 -11.95 -15.90
N VAL B 233 0.72 -12.98 -16.06
CA VAL B 233 -0.68 -13.06 -15.58
C VAL B 233 -0.76 -14.33 -14.73
N VAL B 234 -1.47 -14.22 -13.62
CA VAL B 234 -1.46 -15.20 -12.50
C VAL B 234 -2.90 -15.63 -12.26
N ASP B 235 -3.02 -16.94 -12.06
CA ASP B 235 -4.23 -17.64 -11.57
C ASP B 235 -4.03 -18.14 -10.13
N SER B 236 -5.04 -17.88 -9.29
CA SER B 236 -5.07 -18.14 -7.83
C SER B 236 -6.17 -19.18 -7.53
N LEU B 237 -5.77 -20.33 -6.96
CA LEU B 237 -6.61 -21.55 -6.80
C LEU B 237 -6.57 -21.98 -5.32
N THR B 238 -7.73 -22.33 -4.76
CA THR B 238 -7.95 -22.65 -3.32
C THR B 238 -8.96 -23.81 -3.19
N THR B 239 -8.64 -24.73 -2.30
CA THR B 239 -9.50 -25.86 -1.88
C THR B 239 -9.45 -25.95 -0.36
N THR B 240 -10.63 -25.99 0.27
CA THR B 240 -10.77 -26.40 1.69
C THR B 240 -10.14 -27.79 1.89
N THR B 241 -9.28 -27.95 2.89
CA THR B 241 -8.65 -29.23 3.29
C THR B 241 -9.26 -29.74 4.60
N SER B 242 -9.96 -28.92 5.37
CA SER B 242 -10.44 -29.24 6.75
C SER B 242 -11.77 -30.03 6.75
N ASP B 260 -12.40 -24.24 13.16
CA ASP B 260 -11.35 -23.72 12.25
C ASP B 260 -11.58 -24.21 10.82
N SER B 261 -11.34 -23.36 9.82
CA SER B 261 -11.20 -23.73 8.38
C SER B 261 -9.71 -23.68 7.95
N GLN B 262 -9.34 -24.65 7.12
CA GLN B 262 -8.01 -24.79 6.47
C GLN B 262 -8.18 -24.75 4.95
N PHE B 263 -7.22 -24.16 4.24
CA PHE B 263 -7.19 -24.12 2.76
C PHE B 263 -5.80 -24.55 2.28
N LEU B 264 -5.76 -25.14 1.09
CA LEU B 264 -4.52 -25.37 0.34
C LEU B 264 -4.64 -24.35 -0.77
N HIS B 265 -3.50 -23.82 -1.20
CA HIS B 265 -3.36 -22.66 -2.13
C HIS B 265 -2.36 -23.01 -3.22
N LEU B 266 -2.63 -22.56 -4.45
CA LEU B 266 -1.63 -22.62 -5.53
C LEU B 266 -1.74 -21.33 -6.36
N LEU B 267 -0.59 -20.70 -6.63
CA LEU B 267 -0.40 -19.64 -7.64
C LEU B 267 0.30 -20.25 -8.86
N ARG B 268 -0.29 -20.04 -10.05
CA ARG B 268 0.35 -20.49 -11.31
C ARG B 268 0.14 -19.44 -12.41
N LEU B 269 1.06 -19.41 -13.39
CA LEU B 269 1.01 -18.43 -14.51
C LEU B 269 -0.12 -18.86 -15.44
N SER B 270 -0.88 -17.89 -15.96
CA SER B 270 -2.26 -18.02 -16.46
C SER B 270 -2.34 -18.96 -17.65
N GLY B 271 -1.24 -19.07 -18.40
CA GLY B 271 -1.18 -19.85 -19.65
C GLY B 271 -0.67 -21.25 -19.44
N ASP B 272 0.65 -21.39 -19.37
CA ASP B 272 1.38 -22.70 -19.31
C ASP B 272 1.04 -23.42 -17.99
N GLY B 273 0.66 -22.70 -16.93
CA GLY B 273 0.37 -23.29 -15.60
C GLY B 273 1.64 -23.53 -14.80
N GLN B 274 2.69 -22.77 -15.11
CA GLN B 274 3.94 -22.62 -14.33
C GLN B 274 3.65 -22.19 -12.87
N GLU B 275 3.92 -23.08 -11.92
CA GLU B 275 3.75 -22.83 -10.47
C GLU B 275 4.69 -21.67 -10.08
N ILE B 276 4.17 -20.65 -9.42
CA ILE B 276 5.02 -19.59 -8.81
C ILE B 276 5.01 -19.67 -7.29
N ASN B 277 3.87 -20.00 -6.66
CA ASN B 277 3.70 -20.14 -5.18
C ASN B 277 2.72 -21.27 -4.84
N ARG B 278 3.01 -21.97 -3.73
CA ARG B 278 2.05 -22.87 -3.00
C ARG B 278 1.98 -22.49 -1.51
N GLY B 279 0.83 -22.71 -0.87
CA GLY B 279 0.70 -22.59 0.60
C GLY B 279 -0.62 -23.05 1.18
N THR B 280 -0.84 -22.68 2.43
CA THR B 280 -1.96 -23.06 3.34
C THR B 280 -2.24 -21.87 4.27
N THR B 281 -3.51 -21.68 4.58
CA THR B 281 -4.04 -20.74 5.58
C THR B 281 -4.94 -21.47 6.56
N LEU B 282 -5.23 -20.81 7.68
CA LEU B 282 -5.99 -21.42 8.80
C LEU B 282 -6.75 -20.27 9.46
N TRP B 283 -8.08 -20.40 9.57
CA TRP B 283 -8.95 -19.29 10.00
C TRP B 283 -9.85 -19.75 11.16
N ARG B 284 -9.95 -18.92 12.21
CA ARG B 284 -10.82 -19.09 13.41
C ARG B 284 -12.05 -18.23 13.14
N LYS B 285 -13.25 -18.79 13.29
CA LYS B 285 -14.53 -18.04 13.40
C LYS B 285 -14.40 -16.97 14.49
N LYS B 286 -14.96 -15.77 14.26
CA LYS B 286 -14.87 -14.59 15.17
C LYS B 286 -15.72 -14.80 16.43
N1 NVJ C . -8.48 12.14 0.74
C4 NVJ C . -7.26 12.12 -0.03
C5 NVJ C . -7.50 11.71 -1.45
C6 NVJ C . -6.67 10.77 -2.07
C7 NVJ C . -6.90 10.40 -3.39
C8 NVJ C . -7.93 10.97 -4.09
C10 NVJ C . -8.55 12.25 -2.18
C1 NVJ C . -10.56 13.04 4.62
C2 NVJ C . -9.60 12.06 4.06
C3 NVJ C . -8.51 12.60 1.99
C9 NVJ C . -8.76 11.88 -3.50
O1 NVJ C . -9.64 12.20 2.60
O2 NVJ C . -7.65 13.29 2.49
N1 NVJ D . 11.02 -9.01 3.87
C4 NVJ D . 9.84 -9.52 4.56
C5 NVJ D . 8.95 -10.35 3.67
C6 NVJ D . 7.64 -9.98 3.40
C7 NVJ D . 6.83 -10.76 2.60
C8 NVJ D . 7.31 -11.93 2.06
C10 NVJ D . 9.43 -11.53 3.10
C1 NVJ D . 15.32 -8.00 4.37
C2 NVJ D . 14.05 -7.28 4.11
C3 NVJ D . 12.13 -8.63 4.53
C9 NVJ D . 8.61 -12.31 2.30
O1 NVJ D . 13.07 -8.25 3.66
O2 NVJ D . 12.26 -8.64 5.73
#